data_7DYM
#
_entry.id   7DYM
#
_cell.length_a   77.500
_cell.length_b   77.500
_cell.length_c   185.900
_cell.angle_alpha   90.000
_cell.angle_beta   90.000
_cell.angle_gamma   120.000
#
_symmetry.space_group_name_H-M   'P 65'
#
loop_
_entity.id
_entity.type
_entity.pdbx_description
1 polymer 'Tox-REase-5 domain-containing protein'
2 polymer 'Imm52 domain-containing protein'
#
loop_
_entity_poly.entity_id
_entity_poly.type
_entity_poly.pdbx_seq_one_letter_code
_entity_poly.pdbx_strand_id
1 'polypeptide(L)'
;MSGIGALFRPLPRMGPRLPFELPAPPRPHLPMPAPRPLPRPAPGALTLSRDRTREAERDCSKSQGRDKDCVECPPSRGEM
AIANNGKGHSMSDLSARYQQWVTNFPFPHEWFWSGTWWDGFDEPRCTLLEAKANYAFLFVPLLGVPRPWARAKVKSDLLQ
KAEVHSDKARPTPPVFVEWHFLQRIVYEYCAAEYLRMGLANLKAFWNPMPGTDEHDDYQETRAKEQEEMKRFCEENPGYC
A
;
A
2 'polypeptide(L)'
;MTDAKAFRRYIFELYFDPARLLELDDDQHLQRIERFLDALAPLHPVLENWYLCGDSLRDALSHNVTEHRQDLAKALSRDR
RTRAVELVLWNGEEDPLKGGLSLDYEASGRAVSSRLQLEDAGSLLQVFDAPASSFVAIFLAVLEIWPETTWGMLAPHAYF
VHQRTFPDRRSIGWIGFCPHPLRATDFPAATELVDIPGRGTLLLNGREPMDETRREHFERVGEADIKLMELGYLPPLRG
;
B
#
# COMPACT_ATOMS: atom_id res chain seq x y z
N LEU A 11 17.23 -12.51 -5.53
CA LEU A 11 16.98 -13.89 -5.15
C LEU A 11 15.48 -14.17 -5.08
N PRO A 12 14.78 -14.05 -6.23
CA PRO A 12 13.32 -14.19 -6.20
C PRO A 12 12.87 -15.55 -5.71
N ARG A 13 11.68 -15.58 -5.12
CA ARG A 13 11.17 -16.79 -4.48
C ARG A 13 11.01 -17.91 -5.50
N MET A 14 11.54 -19.08 -5.16
CA MET A 14 11.40 -20.25 -6.03
C MET A 14 10.01 -20.84 -5.87
N GLY A 15 9.35 -21.10 -7.00
CA GLY A 15 8.03 -21.71 -6.99
C GLY A 15 8.09 -23.22 -7.04
N PRO A 16 7.33 -23.88 -6.19
CA PRO A 16 7.13 -25.33 -6.35
C PRO A 16 6.29 -25.63 -7.58
N ARG A 17 6.14 -26.93 -7.83
CA ARG A 17 5.33 -27.43 -8.93
C ARG A 17 3.93 -27.79 -8.42
N LEU A 18 3.02 -28.06 -9.36
CA LEU A 18 1.62 -28.42 -9.02
C LEU A 18 1.18 -29.77 -9.60
N PRO A 19 0.38 -30.49 -8.82
CA PRO A 19 -0.08 -31.81 -9.16
C PRO A 19 -1.36 -31.64 -9.97
N PHE A 20 -2.22 -32.64 -9.84
CA PHE A 20 -3.49 -32.60 -10.61
C PHE A 20 -4.45 -32.79 -9.44
N GLU A 21 -5.76 -32.76 -9.71
CA GLU A 21 -6.81 -32.97 -8.69
C GLU A 21 -8.11 -33.33 -9.42
N LEU A 22 -8.80 -34.38 -8.95
CA LEU A 22 -10.06 -34.86 -9.58
C LEU A 22 -9.88 -35.09 -11.08
N GLU A 72 -6.68 -31.59 10.09
CA GLU A 72 -5.41 -31.01 9.58
C GLU A 72 -5.74 -29.82 8.65
N CYS A 73 -5.34 -29.86 7.37
CA CYS A 73 -5.55 -28.72 6.41
C CYS A 73 -7.05 -28.55 6.11
N PRO A 74 -7.75 -27.62 6.77
CA PRO A 74 -9.14 -27.35 6.54
C PRO A 74 -9.51 -27.09 5.08
N PRO A 75 -8.84 -26.22 4.29
CA PRO A 75 -9.41 -25.93 2.97
C PRO A 75 -9.94 -27.12 2.19
N SER A 76 -9.46 -28.33 2.51
CA SER A 76 -10.00 -29.52 1.85
C SER A 76 -11.48 -29.74 2.18
N ARG A 77 -12.03 -29.02 3.16
CA ARG A 77 -13.46 -29.04 3.43
C ARG A 77 -14.25 -28.17 2.47
N GLY A 78 -13.59 -27.42 1.59
CA GLY A 78 -14.27 -26.74 0.51
C GLY A 78 -14.48 -27.67 -0.68
N GLU A 79 -14.94 -27.09 -1.77
CA GLU A 79 -15.05 -27.83 -3.02
C GLU A 79 -14.81 -26.86 -4.17
N MET A 80 -15.03 -27.36 -5.39
CA MET A 80 -14.82 -26.58 -6.60
C MET A 80 -16.13 -25.96 -7.04
N ALA A 81 -16.08 -24.69 -7.45
CA ALA A 81 -17.24 -23.96 -7.89
C ALA A 81 -16.90 -23.23 -9.19
N ILE A 82 -17.94 -22.71 -9.84
CA ILE A 82 -17.78 -21.97 -11.08
C ILE A 82 -17.66 -20.48 -10.77
N ALA A 83 -16.64 -19.85 -11.33
CA ALA A 83 -16.48 -18.41 -11.23
C ALA A 83 -17.12 -17.73 -12.42
N ASN A 84 -17.59 -16.50 -12.21
CA ASN A 84 -18.26 -15.75 -13.26
C ASN A 84 -17.27 -15.09 -14.19
N ASP A 93 -7.84 -14.72 -23.79
CA ASP A 93 -7.96 -15.36 -22.49
C ASP A 93 -6.57 -15.57 -21.87
N LEU A 94 -5.74 -14.53 -21.97
CA LEU A 94 -4.41 -14.61 -21.36
C LEU A 94 -4.48 -14.83 -19.86
N SER A 95 -5.44 -14.17 -19.20
CA SER A 95 -5.59 -14.35 -17.76
C SER A 95 -6.04 -15.76 -17.43
N ALA A 96 -6.96 -16.32 -18.21
CA ALA A 96 -7.45 -17.67 -17.95
C ALA A 96 -6.33 -18.70 -18.08
N ARG A 97 -5.56 -18.61 -19.17
CA ARG A 97 -4.45 -19.54 -19.39
C ARG A 97 -3.48 -19.54 -18.22
N TYR A 98 -3.12 -18.36 -17.72
CA TYR A 98 -2.10 -18.29 -16.68
C TYR A 98 -2.59 -18.87 -15.36
N GLN A 99 -3.89 -18.75 -15.07
CA GLN A 99 -4.42 -19.36 -13.85
C GLN A 99 -4.47 -20.88 -14.00
N GLN A 100 -4.79 -21.37 -15.19
CA GLN A 100 -4.69 -22.82 -15.43
C GLN A 100 -3.25 -23.30 -15.31
N TRP A 101 -2.30 -22.48 -15.75
CA TRP A 101 -0.89 -22.87 -15.67
C TRP A 101 -0.39 -22.84 -14.23
N VAL A 102 -0.95 -21.97 -13.39
CA VAL A 102 -0.52 -21.90 -12.00
C VAL A 102 -1.27 -22.90 -11.12
N THR A 103 -2.52 -23.22 -11.46
CA THR A 103 -3.37 -24.02 -10.59
C THR A 103 -3.62 -25.43 -11.09
N ASN A 104 -3.52 -25.68 -12.40
CA ASN A 104 -4.00 -26.93 -13.01
C ASN A 104 -5.46 -27.20 -12.66
N PHE A 105 -6.24 -26.14 -12.46
CA PHE A 105 -7.68 -26.25 -12.25
C PHE A 105 -8.40 -26.15 -13.59
N PRO A 106 -9.25 -27.14 -13.92
CA PRO A 106 -9.95 -27.19 -15.22
C PRO A 106 -10.97 -26.07 -15.45
N PHE A 107 -11.07 -25.61 -16.70
CA PHE A 107 -12.01 -24.53 -17.11
C PHE A 107 -11.94 -23.35 -16.13
N PRO A 108 -13.09 -22.86 -15.62
CA PRO A 108 -13.11 -21.74 -14.68
C PRO A 108 -13.26 -22.22 -13.22
N HIS A 109 -13.21 -23.53 -12.98
CA HIS A 109 -13.37 -24.02 -11.61
C HIS A 109 -12.35 -23.36 -10.69
N GLU A 110 -12.83 -22.98 -9.50
CA GLU A 110 -11.99 -22.41 -8.45
C GLU A 110 -12.36 -23.06 -7.13
N TRP A 111 -11.49 -22.88 -6.13
CA TRP A 111 -11.69 -23.50 -4.83
C TRP A 111 -12.47 -22.55 -3.94
N PHE A 112 -13.62 -23.01 -3.43
CA PHE A 112 -14.47 -22.22 -2.56
C PHE A 112 -14.44 -22.84 -1.17
N TRP A 113 -13.79 -22.15 -0.24
CA TRP A 113 -13.68 -22.60 1.14
C TRP A 113 -13.70 -21.38 2.06
N SER A 114 -14.31 -21.55 3.24
CA SER A 114 -14.45 -20.47 4.23
C SER A 114 -15.24 -19.29 3.67
N GLY A 115 -16.19 -19.57 2.77
CA GLY A 115 -16.94 -18.52 2.12
C GLY A 115 -16.14 -17.61 1.22
N THR A 116 -14.92 -18.02 0.84
CA THR A 116 -14.01 -17.17 0.09
C THR A 116 -13.54 -17.92 -1.14
N TRP A 117 -13.33 -17.16 -2.22
CA TRP A 117 -12.84 -17.71 -3.47
C TRP A 117 -11.32 -17.77 -3.47
N TRP A 118 -10.78 -18.86 -3.99
CA TRP A 118 -9.35 -19.03 -4.20
C TRP A 118 -9.13 -19.62 -5.58
N ASP A 119 -8.14 -19.07 -6.30
CA ASP A 119 -7.92 -19.46 -7.69
C ASP A 119 -7.54 -20.93 -7.81
N GLY A 120 -6.77 -21.41 -6.84
CA GLY A 120 -6.31 -22.82 -6.83
C GLY A 120 -6.13 -23.32 -5.41
N PHE A 121 -5.72 -24.57 -5.26
CA PHE A 121 -5.52 -25.17 -3.93
C PHE A 121 -4.56 -26.35 -4.07
N ASP A 122 -3.42 -26.26 -3.41
CA ASP A 122 -2.43 -27.37 -3.35
C ASP A 122 -2.69 -28.15 -2.06
N GLU A 123 -3.52 -29.19 -2.15
CA GLU A 123 -3.91 -29.97 -0.99
C GLU A 123 -2.71 -30.69 -0.35
N PRO A 124 -1.79 -31.27 -1.13
CA PRO A 124 -0.60 -31.85 -0.49
C PRO A 124 0.18 -30.84 0.34
N ARG A 125 0.54 -29.70 -0.25
CA ARG A 125 1.32 -28.68 0.45
C ARG A 125 0.48 -27.83 1.41
N CYS A 126 -0.82 -28.08 1.44
CA CYS A 126 -1.78 -27.31 2.26
C CYS A 126 -1.56 -25.83 2.01
N THR A 127 -1.76 -25.44 0.76
CA THR A 127 -1.56 -24.07 0.31
C THR A 127 -2.68 -23.67 -0.64
N LEU A 128 -3.30 -22.52 -0.37
CA LEU A 128 -4.23 -21.94 -1.31
C LEU A 128 -3.47 -21.07 -2.31
N LEU A 129 -3.93 -21.06 -3.55
CA LEU A 129 -3.21 -20.41 -4.63
C LEU A 129 -4.06 -19.33 -5.29
N GLU A 130 -3.38 -18.30 -5.77
CA GLU A 130 -3.98 -17.24 -6.58
C GLU A 130 -3.01 -16.83 -7.67
N ALA A 131 -3.56 -16.52 -8.84
CA ALA A 131 -2.77 -16.11 -10.00
C ALA A 131 -3.25 -14.75 -10.49
N LYS A 132 -2.31 -13.86 -10.77
CA LYS A 132 -2.62 -12.52 -11.28
C LYS A 132 -1.76 -12.28 -12.52
N ALA A 133 -2.43 -11.92 -13.62
CA ALA A 133 -1.76 -11.61 -14.90
C ALA A 133 -2.40 -10.36 -15.52
N ASN A 134 -1.65 -9.68 -16.40
CA ASN A 134 -2.12 -8.46 -17.13
C ASN A 134 -2.50 -7.34 -16.15
N TYR A 135 -1.54 -6.91 -15.31
CA TYR A 135 -1.77 -5.77 -14.37
C TYR A 135 -0.61 -4.78 -14.46
N ALA A 136 0.26 -4.91 -15.46
CA ALA A 136 1.37 -3.97 -15.56
C ALA A 136 0.97 -2.66 -16.21
N PHE A 137 -0.02 -2.69 -17.10
CA PHE A 137 -0.52 -1.44 -17.69
C PHE A 137 -1.08 -0.50 -16.63
N LEU A 138 -1.34 -1.01 -15.42
CA LEU A 138 -1.80 -0.21 -14.31
C LEU A 138 -0.65 0.42 -13.52
N PHE A 139 0.59 0.26 -13.99
CA PHE A 139 1.76 0.75 -13.28
C PHE A 139 2.61 1.60 -14.20
N VAL A 140 3.44 2.44 -13.59
CA VAL A 140 4.53 3.12 -14.30
C VAL A 140 5.75 2.20 -14.23
N PRO A 141 6.18 1.62 -15.35
CA PRO A 141 7.10 0.47 -15.26
C PRO A 141 8.47 0.73 -14.66
N LEU A 142 8.89 1.99 -14.54
CA LEU A 142 10.22 2.30 -14.02
C LEU A 142 10.21 2.91 -12.63
N LEU A 143 9.19 3.70 -12.30
CA LEU A 143 9.13 4.31 -10.97
C LEU A 143 8.71 3.27 -9.95
N GLY A 144 7.88 2.31 -10.35
CA GLY A 144 7.46 1.25 -9.45
C GLY A 144 6.18 1.50 -8.70
N VAL A 145 5.38 2.47 -9.14
CA VAL A 145 4.13 2.82 -8.48
C VAL A 145 3.00 2.68 -9.49
N PRO A 146 1.78 2.38 -9.05
CA PRO A 146 0.65 2.33 -9.99
C PRO A 146 0.33 3.71 -10.53
N ARG A 147 -0.18 3.73 -11.75
CA ARG A 147 -0.68 4.97 -12.32
C ARG A 147 -1.72 5.58 -11.39
N PRO A 148 -1.73 6.90 -11.20
CA PRO A 148 -2.64 7.48 -10.20
C PRO A 148 -4.10 7.15 -10.44
N TRP A 149 -4.56 7.19 -11.69
CA TRP A 149 -5.95 6.88 -11.98
C TRP A 149 -6.29 5.42 -11.73
N ALA A 150 -5.28 4.55 -11.64
CA ALA A 150 -5.49 3.12 -11.45
C ALA A 150 -5.37 2.65 -10.00
N ARG A 151 -5.27 3.59 -9.07
CA ARG A 151 -5.12 3.28 -7.62
C ARG A 151 -6.37 2.57 -7.06
N ALA A 152 -7.54 2.82 -7.66
CA ALA A 152 -8.77 2.22 -7.18
C ALA A 152 -8.78 0.74 -7.56
N LYS A 153 -8.29 0.41 -8.76
CA LYS A 153 -8.30 -0.98 -9.19
C LYS A 153 -7.25 -1.79 -8.44
N VAL A 154 -6.06 -1.21 -8.24
CA VAL A 154 -4.99 -1.91 -7.52
C VAL A 154 -5.42 -2.21 -6.09
N LYS A 155 -6.11 -1.25 -5.45
CA LYS A 155 -6.60 -1.45 -4.10
C LYS A 155 -7.56 -2.63 -4.02
N SER A 156 -8.63 -2.59 -4.82
CA SER A 156 -9.68 -3.59 -4.69
C SER A 156 -9.29 -4.94 -5.28
N ASP A 157 -8.51 -4.95 -6.35
CA ASP A 157 -8.17 -6.20 -7.02
C ASP A 157 -6.94 -6.88 -6.45
N LEU A 158 -5.92 -6.11 -6.06
CA LEU A 158 -4.64 -6.69 -5.67
C LEU A 158 -4.32 -6.58 -4.19
N LEU A 159 -4.82 -5.56 -3.50
CA LEU A 159 -4.51 -5.36 -2.09
C LEU A 159 -5.61 -5.85 -1.17
N GLN A 160 -6.87 -5.48 -1.44
CA GLN A 160 -7.96 -5.87 -0.56
C GLN A 160 -8.22 -7.37 -0.61
N LYS A 161 -8.25 -7.94 -1.82
CA LYS A 161 -8.48 -9.38 -1.94
C LYS A 161 -7.33 -10.17 -1.33
N ALA A 162 -6.14 -9.59 -1.28
CA ALA A 162 -5.00 -10.26 -0.65
C ALA A 162 -5.04 -10.16 0.87
N GLU A 163 -5.68 -9.14 1.43
CA GLU A 163 -5.86 -9.07 2.87
C GLU A 163 -6.92 -10.08 3.33
N VAL A 164 -8.06 -10.12 2.62
CA VAL A 164 -9.12 -11.05 2.97
C VAL A 164 -8.64 -12.50 2.87
N HIS A 165 -7.62 -12.75 2.05
CA HIS A 165 -7.08 -14.11 1.95
C HIS A 165 -6.20 -14.44 3.17
N SER A 166 -5.30 -13.54 3.53
CA SER A 166 -4.50 -13.76 4.73
C SER A 166 -5.37 -13.83 5.98
N ASP A 167 -6.49 -13.10 5.99
CA ASP A 167 -7.38 -13.11 7.14
C ASP A 167 -8.14 -14.43 7.26
N LYS A 168 -8.38 -15.12 6.15
CA LYS A 168 -9.30 -16.25 6.14
C LYS A 168 -8.59 -17.59 6.32
N ALA A 169 -7.28 -17.58 6.57
CA ALA A 169 -6.55 -18.78 6.97
C ALA A 169 -6.52 -18.88 8.49
N ARG A 170 -6.77 -20.09 9.02
CA ARG A 170 -6.79 -20.23 10.47
C ARG A 170 -5.52 -20.91 10.99
N PRO A 171 -5.26 -22.20 10.71
CA PRO A 171 -4.00 -22.77 11.19
C PRO A 171 -2.85 -22.27 10.36
N THR A 172 -2.26 -21.16 10.80
CA THR A 172 -1.14 -20.53 10.10
C THR A 172 0.09 -21.42 10.01
N PRO A 173 0.30 -22.41 10.88
CA PRO A 173 1.41 -23.36 10.66
C PRO A 173 1.23 -24.17 9.38
N PRO A 174 0.09 -24.90 9.17
CA PRO A 174 -0.02 -25.67 7.91
C PRO A 174 -0.61 -24.90 6.73
N VAL A 175 -1.46 -23.91 6.96
CA VAL A 175 -2.18 -23.23 5.90
C VAL A 175 -1.39 -22.00 5.47
N PHE A 176 -0.80 -22.08 4.29
CA PHE A 176 -0.13 -20.97 3.63
C PHE A 176 -0.94 -20.52 2.42
N VAL A 177 -0.71 -19.26 2.02
CA VAL A 177 -1.30 -18.70 0.81
C VAL A 177 -0.18 -18.16 -0.06
N GLU A 178 -0.30 -18.35 -1.37
CA GLU A 178 0.72 -17.91 -2.31
C GLU A 178 0.07 -17.20 -3.48
N TRP A 179 0.62 -16.03 -3.83
CA TRP A 179 0.11 -15.20 -4.92
C TRP A 179 1.16 -15.19 -6.02
N HIS A 180 0.82 -15.79 -7.16
CA HIS A 180 1.75 -15.98 -8.26
C HIS A 180 1.46 -14.97 -9.35
N PHE A 181 2.45 -14.16 -9.70
CA PHE A 181 2.28 -13.08 -10.66
C PHE A 181 2.99 -13.43 -11.96
N LEU A 182 2.27 -13.30 -13.08
CA LEU A 182 2.91 -13.42 -14.38
C LEU A 182 3.95 -12.33 -14.58
N GLN A 183 3.60 -11.09 -14.21
CA GLN A 183 4.41 -9.92 -14.51
C GLN A 183 5.26 -9.55 -13.30
N ARG A 184 6.43 -8.96 -13.58
CA ARG A 184 7.43 -8.74 -12.55
C ARG A 184 7.15 -7.46 -11.76
N ILE A 185 6.90 -6.34 -12.45
CA ILE A 185 6.66 -5.10 -11.75
C ILE A 185 5.42 -5.19 -10.88
N VAL A 186 4.47 -6.05 -11.26
CA VAL A 186 3.30 -6.27 -10.43
C VAL A 186 3.67 -7.09 -9.20
N TYR A 187 4.54 -8.09 -9.36
CA TYR A 187 5.05 -8.82 -8.22
C TYR A 187 5.84 -7.92 -7.29
N GLU A 188 6.71 -7.07 -7.85
CA GLU A 188 7.59 -6.24 -7.04
C GLU A 188 6.79 -5.28 -6.16
N TYR A 189 5.79 -4.62 -6.74
CA TYR A 189 4.93 -3.75 -5.94
C TYR A 189 4.18 -4.53 -4.86
N CYS A 190 3.54 -5.62 -5.25
CA CYS A 190 2.70 -6.37 -4.31
C CYS A 190 3.52 -6.95 -3.17
N ALA A 191 4.70 -7.51 -3.47
CA ALA A 191 5.51 -8.13 -2.44
C ALA A 191 5.87 -7.14 -1.34
N ALA A 192 6.23 -5.91 -1.72
CA ALA A 192 6.53 -4.88 -0.73
C ALA A 192 5.28 -4.46 0.02
N GLU A 193 4.18 -4.20 -0.71
CA GLU A 193 2.94 -3.79 -0.06
C GLU A 193 2.39 -4.88 0.86
N TYR A 194 2.69 -6.14 0.59
CA TYR A 194 2.22 -7.22 1.46
C TYR A 194 3.05 -7.31 2.73
N LEU A 195 4.34 -6.95 2.67
CA LEU A 195 5.17 -7.00 3.87
C LEU A 195 4.81 -5.89 4.84
N ARG A 196 4.47 -4.71 4.32
CA ARG A 196 4.09 -3.57 5.15
C ARG A 196 2.66 -3.66 5.68
N MET A 197 1.89 -4.66 5.26
CA MET A 197 0.53 -4.85 5.76
C MET A 197 0.47 -5.86 6.90
N GLY A 198 1.58 -6.53 7.22
CA GLY A 198 1.55 -7.56 8.24
C GLY A 198 1.02 -8.89 7.76
N LEU A 199 1.18 -9.21 6.48
CA LEU A 199 0.66 -10.44 5.91
C LEU A 199 1.75 -11.51 5.96
N ALA A 200 1.84 -12.16 7.12
CA ALA A 200 2.93 -13.10 7.35
C ALA A 200 2.75 -14.37 6.52
N ASN A 201 1.53 -14.91 6.47
CA ASN A 201 1.26 -16.20 5.84
C ASN A 201 0.99 -16.10 4.34
N LEU A 202 1.18 -14.93 3.75
CA LEU A 202 1.05 -14.77 2.31
C LEU A 202 2.43 -14.46 1.73
N LYS A 203 2.90 -15.33 0.85
CA LYS A 203 4.12 -15.10 0.08
C LYS A 203 3.75 -14.83 -1.37
N ALA A 204 4.55 -13.99 -2.02
CA ALA A 204 4.33 -13.59 -3.40
C ALA A 204 5.45 -14.14 -4.28
N PHE A 205 5.07 -14.61 -5.48
CA PHE A 205 6.03 -15.23 -6.39
C PHE A 205 5.93 -14.60 -7.77
N TRP A 206 7.07 -14.45 -8.43
CA TRP A 206 7.12 -14.12 -9.85
C TRP A 206 7.26 -15.44 -10.58
N ASN A 207 6.12 -16.08 -10.86
CA ASN A 207 6.07 -17.42 -11.46
C ASN A 207 5.38 -17.31 -12.81
N PRO A 208 6.11 -16.96 -13.86
CA PRO A 208 5.49 -16.80 -15.18
C PRO A 208 5.42 -18.10 -15.96
N MET A 209 4.33 -18.22 -16.72
CA MET A 209 4.07 -19.37 -17.59
C MET A 209 4.90 -19.15 -18.83
N PRO A 210 5.55 -20.21 -19.39
CA PRO A 210 6.45 -20.08 -20.54
C PRO A 210 5.84 -19.53 -21.84
N GLY A 211 6.72 -19.09 -22.76
CA GLY A 211 6.33 -18.56 -24.06
C GLY A 211 5.86 -17.15 -23.91
N THR A 212 6.53 -16.44 -23.02
CA THR A 212 6.24 -15.02 -22.79
C THR A 212 7.52 -14.21 -22.66
N ASP A 213 7.43 -12.90 -22.83
CA ASP A 213 8.66 -12.06 -22.66
C ASP A 213 9.17 -12.34 -21.25
N GLU A 214 8.29 -12.25 -20.26
CA GLU A 214 8.61 -12.55 -18.85
C GLU A 214 9.33 -13.90 -18.74
N HIS A 215 8.70 -14.99 -19.10
CA HIS A 215 9.51 -16.20 -18.94
C HIS A 215 10.93 -16.02 -19.45
N ASP A 216 11.12 -15.21 -20.49
CA ASP A 216 12.46 -14.97 -21.01
C ASP A 216 13.33 -14.26 -19.98
N ASP A 217 12.87 -13.12 -19.47
CA ASP A 217 13.61 -12.42 -18.43
C ASP A 217 13.67 -13.22 -17.13
N TYR A 218 12.80 -14.22 -16.97
CA TYR A 218 12.90 -15.09 -15.79
C TYR A 218 14.08 -16.04 -15.93
N GLN A 219 14.24 -16.67 -17.10
CA GLN A 219 15.32 -17.62 -17.29
C GLN A 219 16.69 -16.95 -17.19
N GLU A 220 16.84 -15.76 -17.77
CA GLU A 220 18.13 -15.09 -17.73
C GLU A 220 18.40 -14.43 -16.37
N THR A 221 17.35 -14.18 -15.57
CA THR A 221 17.58 -13.66 -14.23
C THR A 221 18.14 -14.74 -13.31
N ARG A 222 17.53 -15.93 -13.32
CA ARG A 222 18.09 -17.04 -12.55
C ARG A 222 19.43 -17.49 -13.12
N ALA A 223 19.67 -17.26 -14.41
CA ALA A 223 20.98 -17.57 -14.97
C ALA A 223 22.04 -16.59 -14.46
N LYS A 224 21.69 -15.29 -14.42
CA LYS A 224 22.61 -14.29 -13.89
C LYS A 224 22.80 -14.40 -12.38
N GLU A 225 21.95 -15.15 -11.68
CA GLU A 225 22.17 -15.39 -10.26
C GLU A 225 23.18 -16.50 -10.04
N GLN A 226 23.05 -17.61 -10.76
CA GLN A 226 24.05 -18.65 -10.70
C GLN A 226 25.41 -18.14 -11.16
N GLU A 227 25.42 -17.18 -12.09
CA GLU A 227 26.67 -16.55 -12.52
C GLU A 227 27.25 -15.69 -11.41
N GLU A 228 26.41 -14.83 -10.80
CA GLU A 228 26.86 -14.05 -9.66
C GLU A 228 27.26 -14.94 -8.48
N MET A 229 26.61 -16.09 -8.35
CA MET A 229 26.97 -17.05 -7.31
C MET A 229 28.22 -17.84 -7.68
N LYS A 230 28.46 -18.07 -8.97
CA LYS A 230 29.64 -18.82 -9.40
C LYS A 230 30.91 -18.11 -9.01
N ARG A 231 31.02 -16.82 -9.31
CA ARG A 231 32.23 -16.07 -8.97
C ARG A 231 32.40 -15.96 -7.46
N PHE A 232 31.32 -15.61 -6.75
CA PHE A 232 31.43 -15.32 -5.33
C PHE A 232 31.80 -16.54 -4.50
N CYS A 233 31.29 -17.72 -4.87
CA CYS A 233 31.41 -18.88 -4.00
C CYS A 233 32.81 -19.49 -4.07
N GLU A 234 33.37 -19.63 -5.27
CA GLU A 234 34.65 -20.33 -5.41
C GLU A 234 35.81 -19.48 -4.88
N GLU A 235 35.60 -18.20 -4.63
CA GLU A 235 36.62 -17.33 -4.08
C GLU A 235 36.42 -17.04 -2.60
N ASN A 236 35.52 -17.79 -1.94
CA ASN A 236 35.13 -17.48 -0.57
C ASN A 236 34.70 -18.78 0.10
N PRO A 237 34.50 -18.77 1.43
CA PRO A 237 34.04 -20.01 2.10
C PRO A 237 32.61 -20.41 1.77
N GLY A 238 31.69 -19.45 1.83
CA GLY A 238 30.28 -19.73 1.60
C GLY A 238 29.94 -20.28 0.24
N THR B 2 12.25 20.15 -7.80
CA THR B 2 12.74 19.98 -9.17
C THR B 2 12.43 18.58 -9.68
N ASP B 3 12.05 18.47 -10.95
CA ASP B 3 11.80 17.17 -11.56
C ASP B 3 13.11 16.43 -11.75
N ALA B 4 13.09 15.15 -11.33
CA ALA B 4 14.26 14.26 -11.44
C ALA B 4 13.85 12.98 -12.18
N LYS B 5 14.83 12.17 -12.57
CA LYS B 5 14.56 10.93 -13.28
C LYS B 5 14.32 9.75 -12.35
N ALA B 6 15.11 9.63 -11.29
CA ALA B 6 14.93 8.60 -10.27
C ALA B 6 14.65 9.30 -8.95
N PHE B 7 13.39 9.27 -8.52
CA PHE B 7 12.95 9.88 -7.26
C PHE B 7 12.62 8.79 -6.25
N ARG B 8 12.18 9.23 -5.08
CA ARG B 8 11.95 8.33 -3.94
C ARG B 8 10.47 8.13 -3.71
N ARG B 9 10.05 6.88 -3.64
CA ARG B 9 8.68 6.58 -3.24
C ARG B 9 8.53 6.88 -1.76
N TYR B 10 7.41 7.47 -1.40
CA TYR B 10 7.14 7.91 -0.04
C TYR B 10 5.73 7.50 0.34
N ILE B 11 5.57 7.03 1.58
CA ILE B 11 4.27 6.75 2.15
C ILE B 11 3.78 7.98 2.92
N PHE B 12 2.52 8.35 2.71
CA PHE B 12 1.88 9.43 3.46
C PHE B 12 0.55 8.89 3.98
N GLU B 13 0.51 8.57 5.27
CA GLU B 13 -0.63 7.89 5.87
C GLU B 13 -1.11 8.63 7.11
N LEU B 14 -2.41 8.66 7.31
CA LEU B 14 -2.99 9.14 8.55
C LEU B 14 -4.08 8.17 9.00
N TYR B 15 -3.96 7.70 10.23
CA TYR B 15 -4.90 6.75 10.80
C TYR B 15 -5.91 7.47 11.70
N PHE B 16 -7.08 6.83 11.86
CA PHE B 16 -8.17 7.37 12.64
C PHE B 16 -8.66 6.30 13.63
N ASP B 17 -9.42 6.76 14.61
CA ASP B 17 -10.14 5.83 15.48
C ASP B 17 -11.22 5.13 14.66
N PRO B 18 -11.15 3.82 14.48
CA PRO B 18 -12.15 3.15 13.63
C PRO B 18 -13.55 3.21 14.21
N ALA B 19 -13.69 3.10 15.53
CA ALA B 19 -15.02 3.11 16.14
C ALA B 19 -15.73 4.42 15.88
N ARG B 20 -15.07 5.55 16.19
CA ARG B 20 -15.72 6.85 16.05
C ARG B 20 -16.02 7.19 14.59
N LEU B 21 -15.08 6.89 13.69
CA LEU B 21 -15.25 7.23 12.28
C LEU B 21 -16.33 6.39 11.61
N LEU B 22 -16.54 5.16 12.07
CA LEU B 22 -17.52 4.28 11.45
C LEU B 22 -18.92 4.88 11.51
N GLU B 23 -19.25 5.55 12.61
CA GLU B 23 -20.62 6.03 12.83
C GLU B 23 -20.97 7.26 12.01
N LEU B 24 -20.00 7.91 11.37
CA LEU B 24 -20.32 9.02 10.47
C LEU B 24 -21.12 8.50 9.28
N ASP B 25 -22.17 9.24 8.92
CA ASP B 25 -23.00 8.86 7.80
C ASP B 25 -22.39 9.34 6.48
N ASP B 26 -23.07 9.04 5.37
CA ASP B 26 -22.56 9.39 4.06
C ASP B 26 -22.40 10.90 3.91
N ASP B 27 -23.22 11.68 4.61
CA ASP B 27 -23.18 13.14 4.46
C ASP B 27 -22.02 13.76 5.22
N GLN B 28 -21.69 13.23 6.41
CA GLN B 28 -20.58 13.78 7.17
C GLN B 28 -19.24 13.43 6.54
N HIS B 29 -19.12 12.24 5.94
CA HIS B 29 -17.90 11.88 5.23
C HIS B 29 -17.61 12.84 4.10
N LEU B 30 -18.65 13.22 3.34
CA LEU B 30 -18.43 14.00 2.13
C LEU B 30 -18.03 15.44 2.44
N GLN B 31 -18.44 15.97 3.59
CA GLN B 31 -17.97 17.30 3.96
C GLN B 31 -16.51 17.26 4.41
N ARG B 32 -16.09 16.17 5.05
CA ARG B 32 -14.68 16.05 5.45
C ARG B 32 -13.77 16.06 4.23
N ILE B 33 -14.07 15.25 3.23
CA ILE B 33 -13.24 15.17 2.03
C ILE B 33 -13.28 16.50 1.29
N GLU B 34 -14.45 17.14 1.23
CA GLU B 34 -14.56 18.42 0.55
C GLU B 34 -13.66 19.46 1.20
N ARG B 35 -13.74 19.60 2.52
CA ARG B 35 -12.83 20.50 3.23
C ARG B 35 -11.37 20.16 2.95
N PHE B 36 -11.04 18.86 2.95
CA PHE B 36 -9.66 18.44 2.73
C PHE B 36 -9.14 18.90 1.38
N LEU B 37 -9.93 18.70 0.32
CA LEU B 37 -9.52 19.17 -1.00
C LEU B 37 -9.39 20.68 -1.04
N ASP B 38 -10.18 21.39 -0.23
CA ASP B 38 -10.06 22.84 -0.17
C ASP B 38 -8.75 23.26 0.49
N ALA B 39 -8.28 22.50 1.48
CA ALA B 39 -7.02 22.84 2.14
C ALA B 39 -5.82 22.49 1.26
N LEU B 40 -5.97 21.51 0.37
CA LEU B 40 -4.90 21.15 -0.55
C LEU B 40 -4.75 22.16 -1.68
N ALA B 41 -5.85 22.78 -2.10
CA ALA B 41 -5.83 23.66 -3.28
C ALA B 41 -4.78 24.76 -3.23
N PRO B 42 -4.61 25.52 -2.13
CA PRO B 42 -3.63 26.62 -2.17
C PRO B 42 -2.18 26.16 -2.16
N LEU B 43 -1.91 24.88 -1.92
CA LEU B 43 -0.53 24.42 -1.75
C LEU B 43 0.20 24.24 -3.07
N HIS B 44 -0.51 23.88 -4.15
CA HIS B 44 0.09 23.73 -5.47
C HIS B 44 -0.98 23.63 -6.54
N PRO B 45 -0.70 24.07 -7.77
CA PRO B 45 -1.73 23.99 -8.84
C PRO B 45 -2.13 22.58 -9.24
N VAL B 46 -1.29 21.57 -9.03
CA VAL B 46 -1.70 20.21 -9.38
C VAL B 46 -2.77 19.69 -8.41
N LEU B 47 -2.84 20.26 -7.22
CA LEU B 47 -3.80 19.85 -6.21
C LEU B 47 -5.11 20.61 -6.27
N GLU B 48 -5.31 21.44 -7.31
CA GLU B 48 -6.59 22.14 -7.45
C GLU B 48 -7.68 21.19 -7.94
N ASN B 49 -7.53 20.66 -9.14
CA ASN B 49 -8.52 19.77 -9.71
C ASN B 49 -8.42 18.38 -9.10
N TRP B 50 -9.57 17.69 -9.05
CA TRP B 50 -9.61 16.29 -8.64
C TRP B 50 -10.60 15.55 -9.52
N TYR B 51 -10.13 14.44 -10.08
CA TYR B 51 -10.91 13.64 -11.01
C TYR B 51 -11.28 12.31 -10.35
N LEU B 52 -12.11 11.55 -11.04
CA LEU B 52 -12.57 10.27 -10.55
C LEU B 52 -11.73 9.13 -11.13
N CYS B 53 -11.76 7.99 -10.44
CA CYS B 53 -11.06 6.81 -10.92
C CYS B 53 -11.73 6.30 -12.20
N GLY B 54 -10.96 5.51 -12.97
CA GLY B 54 -11.46 5.01 -14.24
C GLY B 54 -10.81 3.71 -14.62
N ASP B 55 -11.48 3.00 -15.55
CA ASP B 55 -10.94 1.76 -16.07
C ASP B 55 -9.74 2.02 -16.99
N SER B 56 -9.81 3.09 -17.78
CA SER B 56 -8.73 3.53 -18.63
C SER B 56 -8.32 4.94 -18.22
N LEU B 57 -7.29 5.47 -18.88
CA LEU B 57 -6.88 6.84 -18.60
C LEU B 57 -7.95 7.84 -19.03
N ARG B 58 -8.62 7.58 -20.16
CA ARG B 58 -9.63 8.53 -20.63
C ARG B 58 -10.88 8.46 -19.79
N ASP B 59 -11.28 7.26 -19.35
CA ASP B 59 -12.44 7.12 -18.49
C ASP B 59 -12.24 7.76 -17.13
N ALA B 60 -11.00 7.97 -16.71
CA ALA B 60 -10.69 8.57 -15.42
C ALA B 60 -10.66 10.09 -15.47
N LEU B 61 -10.91 10.69 -16.65
CA LEU B 61 -10.94 12.14 -16.79
C LEU B 61 -12.31 12.65 -17.19
N SER B 62 -13.35 11.81 -17.07
CA SER B 62 -14.68 12.22 -17.52
C SER B 62 -15.32 13.20 -16.56
N HIS B 63 -15.17 12.97 -15.26
CA HIS B 63 -15.86 13.76 -14.23
C HIS B 63 -14.83 14.48 -13.37
N ASN B 64 -15.04 15.77 -13.16
CA ASN B 64 -14.18 16.62 -12.36
C ASN B 64 -14.97 17.00 -11.11
N VAL B 65 -14.59 16.43 -9.96
CA VAL B 65 -15.37 16.61 -8.74
C VAL B 65 -15.16 18.00 -8.13
N THR B 66 -14.13 18.73 -8.55
CA THR B 66 -13.99 20.12 -8.11
C THR B 66 -14.75 21.07 -9.02
N GLU B 67 -14.95 20.72 -10.28
CA GLU B 67 -15.79 21.51 -11.17
C GLU B 67 -17.26 21.15 -11.00
N HIS B 68 -17.57 19.87 -10.85
CA HIS B 68 -18.92 19.38 -10.61
C HIS B 68 -18.93 18.78 -9.21
N ARG B 69 -19.44 19.53 -8.23
CA ARG B 69 -19.37 19.11 -6.84
C ARG B 69 -20.41 18.06 -6.48
N GLN B 70 -21.52 18.01 -7.21
CA GLN B 70 -22.58 17.04 -6.91
C GLN B 70 -22.11 15.62 -7.20
N ASP B 71 -21.09 15.47 -8.05
CA ASP B 71 -20.59 14.14 -8.41
C ASP B 71 -19.66 13.55 -7.35
N LEU B 72 -19.42 14.27 -6.24
CA LEU B 72 -18.57 13.73 -5.18
C LEU B 72 -19.25 12.56 -4.47
N ALA B 73 -20.57 12.62 -4.31
CA ALA B 73 -21.32 11.54 -3.68
C ALA B 73 -21.28 10.25 -4.49
N LYS B 74 -21.02 10.33 -5.79
CA LYS B 74 -20.92 9.15 -6.64
C LYS B 74 -19.75 8.25 -6.26
N ALA B 75 -18.72 8.80 -5.62
CA ALA B 75 -17.50 8.06 -5.31
C ALA B 75 -17.43 7.62 -3.85
N LEU B 76 -18.56 7.30 -3.25
CA LEU B 76 -18.60 6.86 -1.85
C LEU B 76 -19.37 5.55 -1.78
N SER B 77 -18.69 4.49 -1.35
CA SER B 77 -19.27 3.15 -1.27
C SER B 77 -19.85 2.93 0.12
N ARG B 78 -20.80 2.00 0.20
CA ARG B 78 -21.48 1.66 1.48
C ARG B 78 -21.78 0.16 1.51
N ASP B 79 -20.95 -0.62 2.23
CA ASP B 79 -21.16 -2.09 2.33
C ASP B 79 -22.40 -2.36 3.19
N ARG B 80 -23.10 -3.47 2.90
CA ARG B 80 -24.30 -3.83 3.65
C ARG B 80 -23.96 -4.47 4.99
N ARG B 81 -23.03 -5.43 4.99
CA ARG B 81 -22.47 -5.93 6.23
C ARG B 81 -21.32 -5.02 6.66
N THR B 82 -21.35 -4.59 7.93
CA THR B 82 -20.34 -3.67 8.46
C THR B 82 -20.16 -2.48 7.52
N ARG B 83 -21.10 -1.55 7.58
CA ARG B 83 -21.04 -0.33 6.72
C ARG B 83 -19.56 0.05 6.69
N ALA B 84 -19.00 0.21 5.48
CA ALA B 84 -17.62 0.69 5.30
C ALA B 84 -17.53 1.61 4.07
N VAL B 85 -17.28 2.90 4.29
CA VAL B 85 -17.19 3.87 3.21
C VAL B 85 -15.80 3.76 2.60
N GLU B 86 -15.70 4.05 1.31
CA GLU B 86 -14.43 4.00 0.60
C GLU B 86 -14.47 5.04 -0.52
N LEU B 87 -13.41 5.84 -0.62
CA LEU B 87 -13.35 6.94 -1.56
C LEU B 87 -11.96 7.02 -2.16
N VAL B 88 -11.89 6.99 -3.49
CA VAL B 88 -10.62 7.08 -4.19
C VAL B 88 -10.74 8.15 -5.27
N LEU B 89 -9.97 9.22 -5.15
CA LEU B 89 -9.82 10.22 -6.20
C LEU B 89 -8.37 10.24 -6.67
N TRP B 90 -8.13 11.01 -7.72
CA TRP B 90 -6.78 11.38 -8.11
C TRP B 90 -6.83 12.79 -8.69
N ASN B 91 -5.69 13.46 -8.68
CA ASN B 91 -5.68 14.89 -8.98
C ASN B 91 -5.84 15.19 -10.47
N GLY B 92 -5.54 14.25 -11.34
CA GLY B 92 -5.63 14.48 -12.78
C GLY B 92 -4.30 14.43 -13.52
N GLU B 93 -3.18 14.26 -12.85
CA GLU B 93 -1.88 14.15 -13.50
C GLU B 93 -1.50 12.68 -13.64
N GLU B 94 -1.06 12.28 -14.83
CA GLU B 94 -0.71 10.89 -15.09
C GLU B 94 0.71 10.55 -14.65
N ASP B 95 1.64 11.51 -14.75
CA ASP B 95 3.06 11.25 -14.44
C ASP B 95 3.35 11.67 -13.01
N PRO B 96 3.83 10.76 -12.15
CA PRO B 96 4.25 11.19 -10.80
C PRO B 96 5.33 12.25 -10.81
N LEU B 97 6.19 12.26 -11.83
CA LEU B 97 7.25 13.27 -11.91
C LEU B 97 6.70 14.67 -12.11
N LYS B 98 5.44 14.81 -12.50
CA LYS B 98 4.79 16.11 -12.65
C LYS B 98 3.79 16.40 -11.54
N GLY B 99 3.64 15.51 -10.57
CA GLY B 99 2.68 15.65 -9.51
C GLY B 99 1.47 14.70 -9.54
N GLY B 100 1.56 13.58 -10.24
CA GLY B 100 0.44 12.64 -10.28
C GLY B 100 0.22 11.96 -8.96
N LEU B 101 -0.94 12.20 -8.34
CA LEU B 101 -1.21 11.70 -7.01
C LEU B 101 -2.69 11.40 -6.84
N SER B 102 -2.99 10.47 -5.96
CA SER B 102 -4.36 10.03 -5.72
C SER B 102 -4.64 10.02 -4.22
N LEU B 103 -5.93 10.06 -3.89
CA LEU B 103 -6.38 10.14 -2.51
C LEU B 103 -7.21 8.90 -2.19
N ASP B 104 -6.77 8.13 -1.20
CA ASP B 104 -7.42 6.89 -0.82
C ASP B 104 -7.93 7.04 0.62
N TYR B 105 -9.25 7.10 0.77
CA TYR B 105 -9.90 7.37 2.06
C TYR B 105 -10.82 6.21 2.41
N GLU B 106 -10.36 5.34 3.31
CA GLU B 106 -11.15 4.15 3.72
C GLU B 106 -11.35 4.14 5.25
N ALA B 107 -12.56 3.81 5.63
CA ALA B 107 -12.99 3.70 7.02
C ALA B 107 -13.95 2.53 7.11
N SER B 108 -13.48 1.34 7.51
CA SER B 108 -14.38 0.17 7.59
C SER B 108 -14.67 -0.24 9.05
N GLY B 109 -13.92 0.28 10.02
CA GLY B 109 -14.18 -0.13 11.38
C GLY B 109 -13.07 -0.93 12.02
N ARG B 110 -12.09 -1.37 11.24
CA ARG B 110 -10.88 -1.99 11.76
C ARG B 110 -9.79 -0.93 11.89
N ALA B 111 -8.92 -1.10 12.88
CA ALA B 111 -7.87 -0.13 13.14
C ALA B 111 -6.94 0.02 11.94
N VAL B 112 -6.62 -1.09 11.28
CA VAL B 112 -5.69 -1.06 10.16
C VAL B 112 -6.34 -0.51 8.90
N SER B 113 -7.67 -0.62 8.78
CA SER B 113 -8.38 -0.26 7.57
C SER B 113 -9.08 1.09 7.63
N SER B 114 -8.94 1.83 8.72
CA SER B 114 -9.54 3.16 8.87
C SER B 114 -8.43 4.20 8.76
N ARG B 115 -8.16 4.65 7.53
CA ARG B 115 -7.06 5.58 7.30
C ARG B 115 -7.36 6.49 6.13
N LEU B 116 -6.46 7.45 5.93
CA LEU B 116 -6.42 8.31 4.74
C LEU B 116 -4.99 8.36 4.27
N GLN B 117 -4.78 8.20 2.97
CA GLN B 117 -3.40 8.27 2.46
C GLN B 117 -3.39 8.85 1.07
N LEU B 118 -2.23 9.30 0.62
CA LEU B 118 -1.99 9.87 -0.72
C LEU B 118 -0.95 8.95 -1.34
N GLU B 119 -1.29 8.32 -2.46
CA GLU B 119 -0.35 7.39 -3.15
C GLU B 119 0.85 8.17 -3.70
N ASP B 120 2.06 7.70 -3.35
CA ASP B 120 3.34 8.30 -3.82
C ASP B 120 3.49 9.76 -3.38
N ALA B 121 3.80 9.98 -2.10
CA ALA B 121 4.07 11.34 -1.57
C ALA B 121 5.25 11.88 -2.40
N GLY B 122 6.02 10.96 -2.98
CA GLY B 122 7.16 11.27 -3.82
C GLY B 122 6.81 12.14 -5.01
N SER B 123 5.58 12.02 -5.51
CA SER B 123 5.12 12.95 -6.55
C SER B 123 5.08 14.37 -6.03
N LEU B 124 4.63 14.55 -4.78
CA LEU B 124 4.60 15.89 -4.18
C LEU B 124 6.00 16.43 -3.97
N LEU B 125 6.99 15.57 -3.69
CA LEU B 125 8.35 16.05 -3.56
C LEU B 125 8.86 16.67 -4.85
N GLN B 126 8.34 16.21 -5.99
CA GLN B 126 8.72 16.82 -7.27
C GLN B 126 8.21 18.25 -7.39
N VAL B 127 7.09 18.57 -6.76
CA VAL B 127 6.45 19.87 -6.97
C VAL B 127 6.66 20.84 -5.81
N PHE B 128 7.00 20.35 -4.62
CA PHE B 128 7.09 21.20 -3.44
C PHE B 128 8.46 21.86 -3.37
N ASP B 129 8.48 23.19 -3.40
CA ASP B 129 9.72 23.94 -3.21
C ASP B 129 10.20 23.80 -1.77
N ALA B 130 9.35 24.16 -0.82
CA ALA B 130 9.59 23.93 0.60
C ALA B 130 8.74 22.75 1.03
N PRO B 131 9.27 21.53 0.95
CA PRO B 131 8.45 20.36 1.29
C PRO B 131 8.04 20.30 2.75
N ALA B 132 8.78 20.93 3.65
CA ALA B 132 8.48 20.83 5.07
C ALA B 132 7.24 21.65 5.37
N SER B 133 7.26 22.93 5.02
CA SER B 133 6.12 23.81 5.32
C SER B 133 4.84 23.28 4.67
N SER B 134 4.94 22.86 3.41
CA SER B 134 3.77 22.34 2.71
C SER B 134 3.18 21.04 3.27
N PHE B 135 4.04 20.11 3.68
CA PHE B 135 3.54 18.86 4.26
C PHE B 135 2.93 19.08 5.63
N VAL B 136 3.51 19.98 6.44
CA VAL B 136 2.92 20.31 7.73
C VAL B 136 1.53 20.90 7.54
N ALA B 137 1.35 21.69 6.48
CA ALA B 137 0.03 22.23 6.17
C ALA B 137 -1.00 21.11 6.01
N ILE B 138 -0.63 20.05 5.31
CA ILE B 138 -1.55 18.93 5.07
C ILE B 138 -1.89 18.25 6.40
N PHE B 139 -0.88 17.98 7.22
CA PHE B 139 -1.13 17.38 8.53
C PHE B 139 -2.10 18.22 9.35
N LEU B 140 -1.84 19.53 9.43
CA LEU B 140 -2.73 20.41 10.19
C LEU B 140 -4.12 20.46 9.58
N ALA B 141 -4.23 20.25 8.26
CA ALA B 141 -5.54 20.20 7.63
C ALA B 141 -6.31 18.96 8.09
N VAL B 142 -5.66 17.80 8.09
CA VAL B 142 -6.32 16.58 8.53
C VAL B 142 -6.74 16.69 9.99
N LEU B 143 -5.83 17.16 10.84
CA LEU B 143 -6.15 17.29 12.26
C LEU B 143 -7.27 18.30 12.49
N GLU B 144 -7.31 19.37 11.68
CA GLU B 144 -8.41 20.31 11.77
C GLU B 144 -9.73 19.67 11.34
N ILE B 145 -9.69 18.82 10.31
CA ILE B 145 -10.91 18.27 9.75
C ILE B 145 -11.30 16.96 10.45
N TRP B 146 -10.32 16.13 10.81
CA TRP B 146 -10.62 14.86 11.48
C TRP B 146 -10.11 14.90 12.92
N PRO B 147 -10.97 15.18 13.90
CA PRO B 147 -10.54 15.04 15.31
C PRO B 147 -10.32 13.60 15.74
N GLU B 148 -10.79 12.62 14.96
CA GLU B 148 -10.60 11.21 15.30
C GLU B 148 -9.20 10.70 15.00
N THR B 149 -8.32 11.54 14.46
CA THR B 149 -7.00 11.10 14.03
C THR B 149 -6.20 10.59 15.21
N THR B 150 -5.64 9.38 15.06
CA THR B 150 -4.81 8.78 16.10
C THR B 150 -3.34 8.65 15.71
N TRP B 151 -2.99 8.91 14.46
CA TRP B 151 -1.61 8.76 14.02
C TRP B 151 -1.47 9.35 12.62
N GLY B 152 -0.23 9.61 12.25
CA GLY B 152 0.10 10.06 10.91
C GLY B 152 1.57 9.83 10.62
N MET B 153 1.91 9.47 9.40
CA MET B 153 3.30 9.15 9.09
C MET B 153 3.61 9.51 7.63
N LEU B 154 4.62 10.35 7.45
CA LEU B 154 5.22 10.61 6.16
C LEU B 154 6.66 10.10 6.21
N ALA B 155 6.93 9.04 5.46
CA ALA B 155 8.21 8.36 5.52
C ALA B 155 8.53 7.79 4.15
N PRO B 156 9.81 7.61 3.82
CA PRO B 156 10.17 6.89 2.60
C PRO B 156 9.68 5.46 2.64
N HIS B 157 9.13 5.01 1.51
CA HIS B 157 8.69 3.62 1.39
C HIS B 157 9.83 2.64 1.66
N ALA B 158 11.03 2.95 1.14
CA ALA B 158 12.17 2.05 1.33
C ALA B 158 12.54 1.92 2.80
N TYR B 159 12.57 3.02 3.53
CA TYR B 159 12.85 2.96 4.97
C TYR B 159 11.80 2.13 5.70
N PHE B 160 10.53 2.54 5.62
CA PHE B 160 9.50 1.98 6.49
C PHE B 160 9.30 0.48 6.28
N VAL B 161 9.67 -0.05 5.12
CA VAL B 161 9.39 -1.46 4.88
C VAL B 161 10.55 -2.34 5.33
N HIS B 162 11.79 -1.89 5.14
CA HIS B 162 12.96 -2.72 5.39
C HIS B 162 13.82 -2.28 6.56
N GLN B 163 13.96 -0.98 6.79
CA GLN B 163 15.00 -0.46 7.66
C GLN B 163 14.50 0.11 8.99
N ARG B 164 13.19 0.10 9.22
CA ARG B 164 12.65 0.75 10.40
C ARG B 164 13.04 -0.03 11.67
N THR B 165 13.07 0.69 12.80
CA THR B 165 13.66 0.16 14.02
C THR B 165 12.85 -0.98 14.60
N PHE B 166 11.53 -0.81 14.70
CA PHE B 166 10.66 -1.82 15.29
C PHE B 166 9.78 -2.42 14.21
N PRO B 167 10.07 -3.63 13.73
CA PRO B 167 9.32 -4.17 12.59
C PRO B 167 7.89 -4.55 12.91
N ASP B 168 7.54 -4.70 14.19
CA ASP B 168 6.17 -4.98 14.59
C ASP B 168 5.43 -3.72 15.03
N ARG B 169 5.93 -2.56 14.63
CA ARG B 169 5.33 -1.29 15.02
C ARG B 169 5.26 -0.36 13.82
N ARG B 170 4.46 0.69 13.95
CA ARG B 170 4.51 1.79 13.01
C ARG B 170 5.79 2.61 13.26
N SER B 171 5.89 3.72 12.53
CA SER B 171 7.02 4.62 12.69
C SER B 171 6.51 6.05 12.66
N ILE B 172 7.32 6.97 13.19
CA ILE B 172 6.97 8.38 13.08
C ILE B 172 7.43 8.95 11.74
N GLY B 173 8.35 8.27 11.06
CA GLY B 173 8.79 8.69 9.76
C GLY B 173 9.55 10.00 9.81
N TRP B 174 9.54 10.71 8.67
CA TRP B 174 10.15 12.02 8.59
C TRP B 174 9.28 13.08 9.26
N ILE B 175 7.97 13.07 8.97
CA ILE B 175 7.01 13.92 9.64
C ILE B 175 5.86 13.04 10.09
N GLY B 176 5.74 12.83 11.40
CA GLY B 176 4.64 12.05 11.93
C GLY B 176 3.81 12.80 12.95
N PHE B 177 2.58 12.35 13.15
CA PHE B 177 1.71 12.87 14.21
C PHE B 177 1.63 11.86 15.34
N CYS B 178 1.85 12.33 16.56
CA CYS B 178 1.67 11.54 17.76
C CYS B 178 0.58 12.18 18.62
N PRO B 179 -0.45 11.43 19.03
CA PRO B 179 -1.60 12.03 19.72
C PRO B 179 -1.38 12.23 21.21
N HIS B 180 -0.26 12.82 21.58
CA HIS B 180 0.13 13.04 22.97
C HIS B 180 0.97 14.30 23.06
N PRO B 181 1.09 14.87 24.27
CA PRO B 181 2.07 15.94 24.47
C PRO B 181 3.48 15.36 24.62
N LEU B 182 4.40 15.84 23.80
CA LEU B 182 5.77 15.36 23.82
C LEU B 182 6.71 16.44 24.35
N ARG B 183 7.91 16.00 24.71
CA ARG B 183 8.90 16.82 25.41
C ARG B 183 10.11 16.99 24.50
N ALA B 184 10.39 18.24 24.12
CA ALA B 184 11.50 18.54 23.23
C ALA B 184 12.84 18.08 23.78
N THR B 185 12.92 17.86 25.10
CA THR B 185 14.15 17.35 25.70
C THR B 185 14.46 15.94 25.23
N ASP B 186 13.43 15.11 25.08
CA ASP B 186 13.59 13.67 24.85
C ASP B 186 13.97 13.32 23.41
N PHE B 187 14.16 14.30 22.54
CA PHE B 187 14.35 14.02 21.11
C PHE B 187 15.61 14.66 20.60
N PRO B 188 16.18 14.16 19.49
CA PRO B 188 17.39 14.77 18.91
C PRO B 188 17.25 16.26 18.67
N ALA B 189 18.39 16.96 18.59
CA ALA B 189 18.38 18.42 18.55
C ALA B 189 17.66 18.94 17.32
N ALA B 190 17.97 18.38 16.15
CA ALA B 190 17.34 18.82 14.91
C ALA B 190 15.89 18.35 14.80
N THR B 191 15.37 17.61 15.78
CA THR B 191 13.98 17.20 15.81
C THR B 191 13.18 18.27 16.55
N GLU B 192 12.20 18.87 15.86
CA GLU B 192 11.41 19.95 16.41
C GLU B 192 9.94 19.56 16.46
N LEU B 193 9.24 20.05 17.48
CA LEU B 193 7.87 19.65 17.76
C LEU B 193 6.91 20.80 17.53
N VAL B 194 5.67 20.46 17.16
CA VAL B 194 4.59 21.43 16.99
C VAL B 194 3.41 20.87 17.79
N ASP B 195 3.18 21.43 18.98
CA ASP B 195 2.07 20.98 19.80
C ASP B 195 0.75 21.51 19.25
N ILE B 196 -0.26 20.66 19.26
CA ILE B 196 -1.61 21.03 18.88
C ILE B 196 -2.42 21.15 20.17
N PRO B 197 -3.16 22.25 20.38
CA PRO B 197 -3.90 22.43 21.65
C PRO B 197 -4.79 21.25 22.01
N GLY B 198 -4.33 20.41 22.94
CA GLY B 198 -5.13 19.30 23.40
C GLY B 198 -5.32 18.18 22.41
N ARG B 199 -4.61 18.20 21.28
CA ARG B 199 -4.70 17.14 20.28
C ARG B 199 -3.48 16.25 20.25
N GLY B 200 -2.29 16.84 20.17
CA GLY B 200 -1.07 16.03 20.14
C GLY B 200 0.11 16.84 19.65
N THR B 201 1.11 16.13 19.14
CA THR B 201 2.37 16.70 18.72
C THR B 201 2.66 16.28 17.27
N LEU B 202 3.22 17.21 16.50
CA LEU B 202 3.74 16.92 15.17
C LEU B 202 5.26 16.86 15.25
N LEU B 203 5.83 15.73 14.86
CA LEU B 203 7.28 15.59 14.83
C LEU B 203 7.83 15.95 13.45
N LEU B 204 8.97 16.64 13.46
CA LEU B 204 9.71 16.95 12.23
C LEU B 204 11.17 16.63 12.46
N ASN B 205 11.60 15.46 11.99
CA ASN B 205 12.99 15.04 12.07
C ASN B 205 13.76 15.74 10.95
N GLY B 206 14.20 16.95 11.23
CA GLY B 206 14.81 17.80 10.23
C GLY B 206 13.77 18.46 9.34
N ARG B 207 14.19 19.53 8.68
CA ARG B 207 13.36 20.20 7.68
C ARG B 207 13.75 19.79 6.26
N GLU B 208 14.84 19.07 6.11
CA GLU B 208 15.35 18.54 4.84
C GLU B 208 14.76 17.14 4.61
N PRO B 209 14.28 16.83 3.40
CA PRO B 209 13.65 15.53 3.17
C PRO B 209 14.57 14.36 3.51
N MET B 210 14.04 13.41 4.28
CA MET B 210 14.82 12.30 4.79
C MET B 210 15.41 11.47 3.66
N ASP B 211 16.57 10.87 3.93
CA ASP B 211 17.24 9.98 3.00
C ASP B 211 17.65 8.71 3.73
N GLU B 212 17.60 7.60 3.00
CA GLU B 212 18.00 6.31 3.55
C GLU B 212 19.38 5.86 3.09
N THR B 213 20.19 6.77 2.54
CA THR B 213 21.57 6.46 2.16
C THR B 213 22.58 7.31 2.91
N ARG B 214 22.14 8.33 3.64
CA ARG B 214 23.01 9.18 4.44
C ARG B 214 22.68 8.95 5.91
N ARG B 215 23.72 8.79 6.73
CA ARG B 215 23.53 8.41 8.12
C ARG B 215 23.02 9.56 8.99
N GLU B 216 23.22 10.81 8.57
CA GLU B 216 22.74 11.93 9.37
C GLU B 216 21.22 11.95 9.43
N HIS B 217 20.55 11.49 8.39
CA HIS B 217 19.09 11.43 8.40
C HIS B 217 18.58 10.16 9.07
N PHE B 218 19.29 9.05 8.87
CA PHE B 218 18.80 7.75 9.32
C PHE B 218 18.72 7.68 10.84
N GLU B 219 19.78 8.12 11.53
CA GLU B 219 19.82 8.06 12.99
C GLU B 219 18.81 8.99 13.65
N ARG B 220 18.39 10.04 12.93
CA ARG B 220 17.52 11.05 13.54
C ARG B 220 16.11 10.51 13.79
N VAL B 221 15.57 9.75 12.83
CA VAL B 221 14.25 9.13 13.05
C VAL B 221 14.34 7.82 13.81
N GLY B 222 15.50 7.18 13.85
CA GLY B 222 15.65 5.97 14.65
C GLY B 222 15.63 6.29 16.13
N GLU B 223 16.43 7.28 16.55
CA GLU B 223 16.35 7.75 17.93
C GLU B 223 14.94 8.20 18.27
N ALA B 224 14.28 8.89 17.34
CA ALA B 224 12.91 9.34 17.58
C ALA B 224 11.98 8.17 17.82
N ASP B 225 12.09 7.11 17.00
CA ASP B 225 11.24 5.95 17.18
C ASP B 225 11.51 5.25 18.51
N ILE B 226 12.78 5.17 18.91
CA ILE B 226 13.14 4.49 20.15
C ILE B 226 12.51 5.21 21.35
N LYS B 227 12.58 6.55 21.37
CA LYS B 227 12.01 7.28 22.49
C LYS B 227 10.49 7.11 22.54
N LEU B 228 9.85 7.04 21.37
CA LEU B 228 8.40 6.83 21.34
C LEU B 228 8.04 5.43 21.86
N MET B 229 8.83 4.42 21.50
CA MET B 229 8.59 3.08 22.04
C MET B 229 8.86 3.05 23.54
N GLU B 230 9.92 3.74 23.98
CA GLU B 230 10.26 3.78 25.39
C GLU B 230 9.15 4.43 26.22
N LEU B 231 8.47 5.42 25.66
CA LEU B 231 7.33 6.06 26.30
C LEU B 231 6.02 5.33 26.06
N GLY B 232 6.04 4.25 25.27
CA GLY B 232 4.82 3.50 25.02
C GLY B 232 3.83 4.17 24.08
N TYR B 233 4.29 5.07 23.23
CA TYR B 233 3.41 5.79 22.32
C TYR B 233 3.53 5.32 20.87
N LEU B 234 4.41 4.35 20.60
CA LEU B 234 4.62 3.85 19.25
C LEU B 234 3.66 2.69 19.01
N PRO B 235 2.68 2.82 18.13
CA PRO B 235 1.66 1.79 18.00
C PRO B 235 2.19 0.59 17.22
N PRO B 236 1.59 -0.58 17.38
CA PRO B 236 1.90 -1.71 16.50
C PRO B 236 1.25 -1.54 15.14
N LEU B 237 1.73 -2.35 14.19
CA LEU B 237 1.18 -2.33 12.83
C LEU B 237 -0.31 -2.63 12.84
N ARG B 238 -0.67 -3.89 13.09
CA ARG B 238 -2.06 -4.34 13.08
C ARG B 238 -2.75 -3.82 14.34
N GLY B 239 -3.08 -2.53 14.32
CA GLY B 239 -3.75 -1.90 15.44
C GLY B 239 -3.14 -0.56 15.82
#